data_6SNR
#
_entry.id   6SNR
#
_cell.length_a   45.010
_cell.length_b   83.620
_cell.length_c   133.930
_cell.angle_alpha   90.00
_cell.angle_beta   90.00
_cell.angle_gamma   90.00
#
_symmetry.space_group_name_H-M   'P 21 21 21'
#
loop_
_entity.id
_entity.type
_entity.pdbx_description
1 polymer 'Lipid II:glycine glycyltransferase'
2 water water
#
_entity_poly.entity_id   1
_entity_poly.type   'polypeptide(L)'
_entity_poly.pdbx_seq_one_letter_code
;MEKMHITNQEHDAFVKSHPNGDLLQLTKWAETKKLTGWYARRIAVGRDGEVQGVAQLLFKKVPKLPYTLCYISRGFVVDY
SNKEALNALLDSAKEIAKAEKAYAIKIDPDVEVDKGTDALQNLKALGFKHKGFKEGLSKDYIQPRMTMITPIDKNDDELL
NSFERRNRSKVRLALKRGTTVERSDREGLKTFAELMKITGERDGFLTRDISYFENIYDALHEDGDAELFLVKLDPKENIA
KVNQELNELHAEIAKWQQKMETSEKQAKKAQNMINDAQNKIAKNEDLKRDLEALEKEHPEGIYLSGALLMFAGSKSYYLY
GASSNEFRDFLPNHHMQYTMMKYAREHGATTYDFGGTDNDPDKDSEHYGLWAFKKVWGTYLSEKIGEFDYILNQPLYQLI
EQVKPRLTKAKIKISRKLKR
;
_entity_poly.pdbx_strand_id   A
#
# COMPACT_ATOMS: atom_id res chain seq x y z
N MET A 1 18.20 12.17 -29.90
CA MET A 1 18.92 12.85 -28.78
C MET A 1 20.09 11.97 -28.29
N GLU A 2 20.39 11.89 -26.99
CA GLU A 2 21.63 11.20 -26.59
C GLU A 2 21.39 10.14 -25.50
N LYS A 3 22.14 9.05 -25.60
CA LYS A 3 22.14 8.00 -24.59
C LYS A 3 22.98 8.51 -23.43
N MET A 4 22.56 8.24 -22.18
CA MET A 4 23.28 8.78 -21.03
C MET A 4 23.55 7.69 -20.02
N HIS A 5 24.64 7.84 -19.29
CA HIS A 5 24.97 7.04 -18.16
C HIS A 5 24.69 7.87 -16.91
N ILE A 6 23.76 7.36 -16.11
CA ILE A 6 23.42 7.94 -14.81
C ILE A 6 23.55 6.90 -13.72
N THR A 7 23.80 7.36 -12.47
CA THR A 7 24.01 6.45 -11.40
C THR A 7 22.69 5.85 -10.94
N ASN A 8 22.76 4.82 -10.13
CA ASN A 8 21.51 4.26 -9.50
C ASN A 8 20.68 5.34 -8.76
N GLN A 9 21.38 6.17 -7.96
CA GLN A 9 20.68 7.22 -7.22
C GLN A 9 20.06 8.27 -8.14
N GLU A 10 20.75 8.64 -9.21
CA GLU A 10 20.23 9.56 -10.18
C GLU A 10 18.97 9.02 -10.87
N HIS A 11 19.02 7.77 -11.29
CA HIS A 11 17.85 7.07 -11.87
C HIS A 11 16.69 7.09 -10.90
N ASP A 12 16.93 6.64 -9.67
CA ASP A 12 15.87 6.57 -8.66
C ASP A 12 15.28 7.97 -8.38
N ALA A 13 16.14 8.99 -8.31
CA ALA A 13 15.63 10.35 -8.14
C ALA A 13 14.68 10.79 -9.25
N PHE A 14 15.09 10.49 -10.48
CA PHE A 14 14.30 10.81 -11.65
C PHE A 14 12.97 10.07 -11.61
N VAL A 15 12.98 8.77 -11.32
CA VAL A 15 11.74 7.99 -11.19
C VAL A 15 10.79 8.55 -10.11
N LYS A 16 11.39 8.92 -8.99
CA LYS A 16 10.60 9.38 -7.85
C LYS A 16 9.93 10.70 -8.15
N SER A 17 10.56 11.56 -8.94
CA SER A 17 9.95 12.87 -9.30
C SER A 17 9.16 12.94 -10.62
N HIS A 18 9.18 11.87 -11.40
CA HIS A 18 8.46 11.90 -12.66
C HIS A 18 7.00 11.51 -12.44
N PRO A 19 6.06 12.19 -13.11
CA PRO A 19 4.65 11.80 -12.98
C PRO A 19 4.37 10.32 -13.29
N ASN A 20 5.14 9.76 -14.22
CA ASN A 20 5.03 8.35 -14.61
C ASN A 20 6.03 7.39 -13.98
N GLY A 21 6.71 7.85 -12.92
CA GLY A 21 7.50 6.99 -12.08
C GLY A 21 6.67 5.98 -11.29
N ASP A 22 7.35 4.98 -10.74
CA ASP A 22 6.66 3.90 -10.01
C ASP A 22 7.69 3.17 -9.20
N LEU A 23 7.24 2.57 -8.10
CA LEU A 23 8.02 1.64 -7.31
C LEU A 23 8.75 0.55 -8.17
N LEU A 24 8.07 0.00 -9.19
CA LEU A 24 8.60 -1.13 -9.91
C LEU A 24 9.73 -0.75 -10.89
N GLN A 25 10.04 0.56 -10.99
CA GLN A 25 11.19 1.07 -11.76
C GLN A 25 12.38 1.48 -10.89
N LEU A 26 12.28 1.32 -9.59
CA LEU A 26 13.41 1.66 -8.68
C LEU A 26 14.47 0.59 -8.69
N THR A 27 15.73 1.02 -8.53
CA THR A 27 16.80 0.08 -8.51
C THR A 27 16.73 -0.97 -7.38
N LYS A 28 16.26 -0.58 -6.18
CA LYS A 28 16.16 -1.53 -5.09
C LYS A 28 14.99 -2.52 -5.30
N TRP A 29 14.00 -2.13 -6.11
CA TRP A 29 12.96 -3.12 -6.50
C TRP A 29 13.59 -4.21 -7.38
N ALA A 30 14.43 -3.80 -8.32
CA ALA A 30 15.19 -4.82 -9.10
C ALA A 30 15.99 -5.74 -8.22
N GLU A 31 16.55 -5.23 -7.12
CA GLU A 31 17.27 -6.09 -6.22
C GLU A 31 16.39 -7.22 -5.69
N THR A 32 15.12 -6.93 -5.42
CA THR A 32 14.20 -7.94 -4.88
C THR A 32 13.87 -9.04 -5.87
N LYS A 33 14.02 -8.74 -7.15
CA LYS A 33 13.65 -9.71 -8.16
C LYS A 33 14.78 -10.68 -8.52
N LYS A 34 15.97 -10.45 -7.99
CA LYS A 34 17.08 -11.38 -8.22
C LYS A 34 16.68 -12.77 -7.72
N LEU A 35 15.94 -12.82 -6.62
CA LEU A 35 15.60 -14.08 -5.95
C LEU A 35 14.76 -14.96 -6.85
N THR A 36 14.02 -14.36 -7.79
CA THR A 36 13.19 -15.13 -8.71
C THR A 36 13.69 -15.17 -10.16
N GLY A 37 14.97 -14.88 -10.34
CA GLY A 37 15.67 -15.14 -11.57
C GLY A 37 15.78 -13.99 -12.53
N TRP A 38 15.41 -12.79 -12.07
CA TRP A 38 15.47 -11.63 -12.93
C TRP A 38 16.79 -10.89 -12.78
N TYR A 39 17.35 -10.47 -13.90
CA TYR A 39 18.53 -9.59 -13.91
C TYR A 39 18.22 -8.28 -14.61
N ALA A 40 18.87 -7.21 -14.15
CA ALA A 40 18.51 -5.88 -14.55
C ALA A 40 19.53 -5.14 -15.41
N ARG A 41 19.00 -4.26 -16.23
CA ARG A 41 19.79 -3.31 -17.02
C ARG A 41 19.04 -2.02 -17.03
N ARG A 42 19.75 -0.90 -17.12
CA ARG A 42 19.14 0.42 -17.21
C ARG A 42 19.51 1.14 -18.50
N ILE A 43 18.63 2.03 -18.90
CA ILE A 43 18.82 2.99 -20.01
C ILE A 43 18.38 4.37 -19.53
N ALA A 44 18.97 5.41 -20.13
CA ALA A 44 18.60 6.79 -19.88
C ALA A 44 18.88 7.56 -21.15
N VAL A 45 18.01 8.49 -21.46
CA VAL A 45 18.16 9.40 -22.62
C VAL A 45 17.87 10.85 -22.21
N GLY A 46 18.52 11.80 -22.89
CA GLY A 46 18.30 13.21 -22.63
C GLY A 46 19.05 14.12 -23.59
N ARG A 47 19.07 15.41 -23.27
CA ARG A 47 19.70 16.43 -24.12
C ARG A 47 20.30 17.49 -23.22
N ASP A 48 21.47 18.01 -23.60
CA ASP A 48 22.10 19.12 -22.88
C ASP A 48 22.38 18.79 -21.41
N GLY A 49 22.66 17.53 -21.12
CA GLY A 49 22.97 17.06 -19.75
C GLY A 49 21.75 16.83 -18.85
N GLU A 50 20.57 17.01 -19.41
CA GLU A 50 19.32 16.86 -18.66
C GLU A 50 18.64 15.58 -19.11
N VAL A 51 18.41 14.65 -18.17
CA VAL A 51 17.69 13.41 -18.50
C VAL A 51 16.21 13.73 -18.88
N GLN A 52 15.70 13.09 -19.93
CA GLN A 52 14.27 13.24 -20.34
C GLN A 52 13.49 11.94 -20.17
N GLY A 53 14.17 10.81 -20.00
CA GLY A 53 13.46 9.52 -19.72
C GLY A 53 14.43 8.44 -19.29
N VAL A 54 13.95 7.46 -18.51
CA VAL A 54 14.72 6.33 -18.09
C VAL A 54 13.89 5.08 -18.13
N ALA A 55 14.56 3.97 -18.02
CA ALA A 55 13.86 2.69 -17.88
C ALA A 55 14.78 1.66 -17.28
N GLN A 56 14.23 0.83 -16.42
CA GLN A 56 14.86 -0.30 -15.86
C GLN A 56 14.25 -1.57 -16.48
N LEU A 57 15.09 -2.33 -17.15
CA LEU A 57 14.72 -3.56 -17.87
C LEU A 57 15.03 -4.74 -17.04
N LEU A 58 14.08 -5.65 -16.85
CA LEU A 58 14.32 -6.87 -16.16
C LEU A 58 14.26 -7.99 -17.18
N PHE A 59 15.26 -8.85 -17.12
CA PHE A 59 15.32 -10.06 -17.97
C PHE A 59 15.21 -11.35 -17.21
N LYS A 60 14.56 -12.36 -17.83
CA LYS A 60 14.49 -13.66 -17.22
C LYS A 60 14.43 -14.68 -18.34
N LYS A 61 15.20 -15.77 -18.18
CA LYS A 61 15.23 -16.86 -19.17
C LYS A 61 13.88 -17.56 -19.24
N VAL A 62 13.46 -17.88 -20.46
CA VAL A 62 12.19 -18.65 -20.69
C VAL A 62 12.46 -20.15 -20.41
N PRO A 63 11.65 -20.80 -19.54
CA PRO A 63 11.87 -22.23 -19.24
C PRO A 63 11.99 -23.02 -20.55
N LYS A 64 13.02 -23.84 -20.65
CA LYS A 64 13.19 -24.81 -21.77
C LYS A 64 13.59 -24.24 -23.13
N LEU A 65 13.57 -22.91 -23.29
CA LEU A 65 13.79 -22.28 -24.60
C LEU A 65 14.96 -21.28 -24.51
N PRO A 66 15.67 -21.07 -25.62
CA PRO A 66 16.90 -20.26 -25.62
C PRO A 66 16.64 -18.75 -25.78
N TYR A 67 15.73 -18.23 -24.95
CA TYR A 67 15.31 -16.84 -25.09
C TYR A 67 15.06 -16.24 -23.70
N THR A 68 14.97 -14.93 -23.64
CA THR A 68 14.51 -14.26 -22.44
C THR A 68 13.26 -13.45 -22.74
N LEU A 69 12.55 -13.05 -21.70
CA LEU A 69 11.62 -11.92 -21.74
C LEU A 69 12.33 -10.67 -21.22
N CYS A 70 12.18 -9.56 -21.92
CA CYS A 70 12.54 -8.21 -21.44
C CYS A 70 11.30 -7.56 -20.88
N TYR A 71 11.24 -7.37 -19.56
CA TYR A 71 10.06 -6.77 -18.96
C TYR A 71 10.43 -5.46 -18.27
N ILE A 72 9.87 -4.39 -18.76
CA ILE A 72 10.08 -3.01 -18.25
C ILE A 72 8.89 -2.72 -17.35
N SER A 73 8.97 -3.21 -16.11
CA SER A 73 7.77 -3.24 -15.20
C SER A 73 7.43 -1.84 -14.70
N ARG A 74 6.25 -1.34 -15.12
CA ARG A 74 5.82 0.04 -14.88
C ARG A 74 6.76 1.13 -15.47
N GLY A 75 7.50 0.76 -16.52
CA GLY A 75 8.18 1.72 -17.40
C GLY A 75 7.59 1.66 -18.79
N PHE A 76 8.20 2.36 -19.77
CA PHE A 76 9.24 3.37 -19.55
C PHE A 76 8.79 4.55 -18.68
N VAL A 77 9.73 5.18 -18.01
CA VAL A 77 9.49 6.38 -17.19
C VAL A 77 9.84 7.60 -18.03
N VAL A 78 8.79 8.10 -18.69
CA VAL A 78 8.91 9.13 -19.71
C VAL A 78 7.53 9.78 -19.91
N ASP A 79 7.53 11.02 -20.37
CA ASP A 79 6.33 11.67 -20.89
C ASP A 79 6.03 11.05 -22.26
N TYR A 80 4.89 10.33 -22.36
CA TYR A 80 4.52 9.56 -23.56
C TYR A 80 4.11 10.49 -24.72
N SER A 81 3.95 11.78 -24.41
CA SER A 81 3.85 12.80 -25.46
C SER A 81 5.18 13.33 -26.01
N ASN A 82 6.30 12.92 -25.41
CA ASN A 82 7.62 13.30 -25.91
C ASN A 82 8.09 12.22 -26.88
N LYS A 83 7.76 12.38 -28.15
CA LYS A 83 8.08 11.38 -29.15
C LYS A 83 9.57 11.08 -29.28
N GLU A 84 10.41 12.11 -29.18
CA GLU A 84 11.85 11.92 -29.36
C GLU A 84 12.43 11.09 -28.23
N ALA A 85 12.00 11.36 -27.00
CA ALA A 85 12.51 10.61 -25.86
C ALA A 85 11.96 9.19 -25.88
N LEU A 86 10.68 9.04 -26.16
CA LEU A 86 10.10 7.70 -26.28
C LEU A 86 10.82 6.84 -27.32
N ASN A 87 11.01 7.39 -28.54
CA ASN A 87 11.74 6.62 -29.58
C ASN A 87 13.15 6.25 -29.17
N ALA A 88 13.84 7.18 -28.53
CA ALA A 88 15.20 6.92 -28.09
C ALA A 88 15.28 5.82 -27.04
N LEU A 89 14.34 5.85 -26.09
CA LEU A 89 14.24 4.75 -25.16
C LEU A 89 14.00 3.41 -25.84
N LEU A 90 13.07 3.36 -26.80
CA LEU A 90 12.86 2.08 -27.55
C LEU A 90 14.15 1.63 -28.30
N ASP A 91 14.82 2.57 -28.96
CA ASP A 91 16.07 2.27 -29.65
C ASP A 91 17.08 1.60 -28.68
N SER A 92 17.27 2.22 -27.52
CA SER A 92 18.18 1.66 -26.52
C SER A 92 17.74 0.31 -25.99
N ALA A 93 16.44 0.16 -25.69
CA ALA A 93 15.95 -1.12 -25.20
C ALA A 93 16.10 -2.24 -26.21
N LYS A 94 15.88 -1.93 -27.48
CA LYS A 94 16.03 -2.93 -28.54
C LYS A 94 17.46 -3.41 -28.64
N GLU A 95 18.42 -2.49 -28.53
CA GLU A 95 19.84 -2.90 -28.54
C GLU A 95 20.17 -3.94 -27.44
N ILE A 96 19.76 -3.61 -26.20
CA ILE A 96 20.05 -4.48 -25.09
C ILE A 96 19.30 -5.81 -25.23
N ALA A 97 17.99 -5.72 -25.51
CA ALA A 97 17.14 -6.90 -25.56
C ALA A 97 17.57 -7.90 -26.64
N LYS A 98 18.00 -7.41 -27.79
CA LYS A 98 18.45 -8.32 -28.85
C LYS A 98 19.69 -9.07 -28.39
N ALA A 99 20.59 -8.35 -27.71
CA ALA A 99 21.79 -8.97 -27.16
C ALA A 99 21.50 -10.00 -26.07
N GLU A 100 20.33 -9.88 -25.39
CA GLU A 100 19.88 -10.85 -24.42
C GLU A 100 18.94 -11.95 -24.97
N LYS A 101 18.80 -11.99 -26.29
CA LYS A 101 17.97 -12.97 -27.02
C LYS A 101 16.53 -12.87 -26.53
N ALA A 102 16.05 -11.65 -26.33
CA ALA A 102 14.69 -11.47 -25.83
C ALA A 102 13.67 -11.74 -26.97
N TYR A 103 12.53 -12.39 -26.66
CA TYR A 103 11.50 -12.59 -27.70
C TYR A 103 10.59 -11.37 -27.84
N ALA A 104 10.62 -10.46 -26.83
CA ALA A 104 9.82 -9.22 -26.84
C ALA A 104 10.29 -8.29 -25.70
N ILE A 105 9.88 -7.05 -25.84
CA ILE A 105 10.02 -5.99 -24.84
C ILE A 105 8.60 -5.63 -24.41
N LYS A 106 8.32 -5.89 -23.15
CA LYS A 106 6.98 -5.73 -22.58
C LYS A 106 6.98 -4.52 -21.67
N ILE A 107 6.01 -3.61 -21.86
CA ILE A 107 5.92 -2.44 -20.98
C ILE A 107 4.48 -2.28 -20.47
N ASP A 108 4.34 -1.53 -19.36
CA ASP A 108 3.03 -1.39 -18.68
C ASP A 108 3.04 -0.13 -17.79
N PRO A 109 3.23 1.04 -18.39
CA PRO A 109 3.46 2.22 -17.59
C PRO A 109 2.20 2.65 -16.82
N ASP A 110 2.38 3.37 -15.73
CA ASP A 110 1.24 3.88 -14.97
C ASP A 110 0.73 5.17 -15.60
N VAL A 111 -0.06 5.01 -16.67
CA VAL A 111 -0.69 6.12 -17.37
C VAL A 111 -2.19 5.80 -17.41
N GLU A 112 -2.99 6.71 -16.89
CA GLU A 112 -4.44 6.50 -16.86
C GLU A 112 -5.03 6.64 -18.27
N VAL A 113 -6.09 5.88 -18.56
CA VAL A 113 -6.70 5.89 -19.90
C VAL A 113 -7.15 7.32 -20.24
N ASP A 114 -7.72 7.99 -19.24
CA ASP A 114 -8.11 9.42 -19.24
C ASP A 114 -7.09 10.30 -19.96
N LYS A 115 -5.83 9.99 -19.72
CA LYS A 115 -4.70 10.80 -20.12
C LYS A 115 -3.79 10.09 -21.06
N GLY A 116 -4.29 9.03 -21.72
CA GLY A 116 -3.42 8.11 -22.41
C GLY A 116 -3.52 8.13 -23.92
N THR A 117 -4.20 9.14 -24.48
CA THR A 117 -4.44 9.18 -25.92
C THR A 117 -3.12 9.21 -26.70
N ASP A 118 -2.22 10.12 -26.32
CA ASP A 118 -0.88 10.20 -26.88
C ASP A 118 -0.12 8.90 -26.72
N ALA A 119 -0.13 8.33 -25.50
CA ALA A 119 0.59 7.07 -25.28
C ALA A 119 0.13 5.96 -26.21
N LEU A 120 -1.18 5.76 -26.27
CA LEU A 120 -1.72 4.72 -27.12
C LEU A 120 -1.30 4.95 -28.56
N GLN A 121 -1.41 6.20 -29.03
CA GLN A 121 -1.15 6.53 -30.45
C GLN A 121 0.31 6.31 -30.78
N ASN A 122 1.16 6.81 -29.89
CA ASN A 122 2.59 6.86 -30.13
C ASN A 122 3.21 5.49 -29.98
N LEU A 123 2.70 4.69 -29.04
CA LEU A 123 3.16 3.31 -28.92
C LEU A 123 2.72 2.46 -30.13
N LYS A 124 1.50 2.68 -30.59
CA LYS A 124 1.00 1.99 -31.77
C LYS A 124 1.87 2.31 -32.99
N ALA A 125 2.21 3.58 -33.18
CA ALA A 125 3.04 4.02 -34.29
C ALA A 125 4.45 3.42 -34.26
N LEU A 126 4.97 3.18 -33.07
CA LEU A 126 6.28 2.54 -32.93
C LEU A 126 6.28 1.01 -33.07
N GLY A 127 5.12 0.37 -33.20
CA GLY A 127 5.06 -1.05 -33.43
C GLY A 127 4.67 -1.94 -32.24
N PHE A 128 4.34 -1.31 -31.11
CA PHE A 128 3.89 -2.08 -29.95
C PHE A 128 2.47 -2.60 -30.17
N LYS A 129 2.25 -3.80 -29.72
CA LYS A 129 0.92 -4.43 -29.72
C LYS A 129 0.32 -4.39 -28.31
N HIS A 130 -0.96 -4.05 -28.26
CA HIS A 130 -1.68 -3.92 -26.99
C HIS A 130 -2.38 -5.19 -26.57
N LYS A 131 -2.36 -5.51 -25.26
CA LYS A 131 -2.96 -6.73 -24.73
C LYS A 131 -4.49 -6.53 -24.60
N GLY A 132 -4.94 -5.26 -24.71
CA GLY A 132 -6.39 -4.93 -24.71
C GLY A 132 -6.93 -4.34 -23.41
N PHE A 133 -8.15 -3.79 -23.45
CA PHE A 133 -8.76 -3.19 -22.26
C PHE A 133 -9.66 -4.21 -21.60
N LYS A 134 -9.03 -5.17 -20.94
CA LYS A 134 -9.73 -6.28 -20.28
C LYS A 134 -10.04 -5.97 -18.79
N GLU A 135 -10.56 -6.93 -18.03
CA GLU A 135 -10.85 -6.69 -16.61
C GLU A 135 -9.62 -6.19 -15.86
N GLY A 136 -9.85 -5.44 -14.78
CA GLY A 136 -8.70 -4.86 -14.03
C GLY A 136 -7.71 -5.95 -13.58
N LEU A 137 -8.21 -7.11 -13.16
CA LEU A 137 -7.32 -8.22 -12.73
C LEU A 137 -7.25 -9.41 -13.69
N SER A 138 -7.42 -9.16 -14.98
CA SER A 138 -7.27 -10.16 -16.00
C SER A 138 -5.93 -10.87 -15.88
N LYS A 139 -5.95 -12.18 -15.97
CA LYS A 139 -4.69 -12.95 -16.10
C LYS A 139 -3.94 -12.70 -17.45
N ASP A 140 -4.50 -11.93 -18.38
CA ASP A 140 -3.87 -11.67 -19.68
C ASP A 140 -2.70 -10.67 -19.62
N TYR A 141 -2.56 -10.04 -18.46
CA TYR A 141 -1.40 -9.18 -18.26
C TYR A 141 -0.86 -9.33 -16.85
N ILE A 142 0.41 -8.90 -16.66
CA ILE A 142 1.13 -9.14 -15.44
C ILE A 142 0.63 -8.30 -14.23
N GLN A 143 0.52 -7.02 -14.43
CA GLN A 143 0.09 -6.14 -13.36
C GLN A 143 -1.41 -5.90 -13.44
N PRO A 144 -1.99 -5.49 -12.30
CA PRO A 144 -3.38 -4.99 -12.43
C PRO A 144 -3.46 -3.77 -13.33
N ARG A 145 -4.51 -3.71 -14.17
CA ARG A 145 -4.77 -2.59 -15.03
C ARG A 145 -5.67 -1.57 -14.36
N MET A 146 -6.26 -1.93 -13.20
CA MET A 146 -7.01 -1.00 -12.40
C MET A 146 -6.56 -1.15 -10.96
N THR A 147 -6.42 -0.01 -10.29
CA THR A 147 -6.12 0.07 -8.87
C THR A 147 -7.05 1.04 -8.18
N MET A 148 -7.02 1.02 -6.85
CA MET A 148 -7.83 1.92 -6.05
C MET A 148 -6.96 2.84 -5.23
N ILE A 149 -7.14 4.14 -5.46
CA ILE A 149 -6.24 5.08 -4.93
C ILE A 149 -6.93 6.16 -4.07
N THR A 150 -6.36 6.42 -2.91
CA THR A 150 -6.82 7.49 -2.00
C THR A 150 -5.94 8.72 -2.11
N PRO A 151 -6.53 9.89 -2.43
CA PRO A 151 -5.78 11.15 -2.33
C PRO A 151 -5.52 11.44 -0.86
N ILE A 152 -4.25 11.67 -0.53
CA ILE A 152 -3.86 11.91 0.87
C ILE A 152 -3.18 13.27 1.15
N ASP A 153 -3.23 14.16 0.17
CA ASP A 153 -2.71 15.51 0.35
C ASP A 153 -3.82 16.37 0.96
N LYS A 154 -4.19 15.94 2.15
CA LYS A 154 -5.36 16.45 2.88
C LYS A 154 -5.02 16.50 4.34
N ASN A 155 -5.71 17.37 5.09
CA ASN A 155 -5.60 17.33 6.55
C ASN A 155 -6.34 16.12 7.13
N ASP A 156 -6.11 15.86 8.40
CA ASP A 156 -6.73 14.69 9.07
C ASP A 156 -8.23 14.65 8.90
N ASP A 157 -8.91 15.79 9.13
CA ASP A 157 -10.36 15.83 9.00
C ASP A 157 -10.82 15.62 7.57
N GLU A 158 -10.19 16.28 6.60
CA GLU A 158 -10.56 16.11 5.19
C GLU A 158 -10.35 14.65 4.73
N LEU A 159 -9.28 14.06 5.23
CA LEU A 159 -8.94 12.67 4.86
C LEU A 159 -10.02 11.70 5.37
N LEU A 160 -10.30 11.82 6.67
CA LEU A 160 -11.37 11.04 7.29
C LEU A 160 -12.72 11.27 6.58
N ASN A 161 -13.05 12.53 6.30
CA ASN A 161 -14.29 12.90 5.57
C ASN A 161 -14.46 12.23 4.20
N SER A 162 -13.32 11.90 3.55
CA SER A 162 -13.34 11.25 2.23
C SER A 162 -13.77 9.80 2.25
N PHE A 163 -13.69 9.11 3.40
CA PHE A 163 -14.12 7.74 3.49
C PHE A 163 -15.66 7.57 3.41
N GLU A 164 -16.12 6.37 3.11
CA GLU A 164 -17.54 6.14 3.03
C GLU A 164 -18.08 6.22 4.47
N ARG A 165 -19.35 6.59 4.59
CA ARG A 165 -19.89 7.01 5.88
C ARG A 165 -19.80 6.00 7.02
N ARG A 166 -20.19 4.74 6.78
CA ARG A 166 -20.07 3.67 7.78
C ARG A 166 -18.60 3.48 8.17
N ASN A 167 -17.71 3.52 7.19
CA ASN A 167 -16.29 3.35 7.52
C ASN A 167 -15.71 4.50 8.35
N ARG A 168 -16.18 5.74 8.11
CA ARG A 168 -15.74 6.85 8.95
C ARG A 168 -16.08 6.57 10.40
N SER A 169 -17.28 6.03 10.63
CA SER A 169 -17.69 5.75 11.98
C SER A 169 -16.78 4.67 12.62
N LYS A 170 -16.38 3.68 11.82
CA LYS A 170 -15.53 2.60 12.31
C LYS A 170 -14.12 3.12 12.62
N VAL A 171 -13.61 4.02 11.77
CA VAL A 171 -12.30 4.63 12.03
C VAL A 171 -12.30 5.43 13.34
N ARG A 172 -13.35 6.25 13.57
CA ARG A 172 -13.42 7.03 14.79
C ARG A 172 -13.45 6.10 16.01
N LEU A 173 -14.16 4.98 15.91
CA LEU A 173 -14.17 4.00 17.00
C LEU A 173 -12.79 3.40 17.19
N ALA A 174 -12.14 3.07 16.09
CA ALA A 174 -10.82 2.50 16.19
C ALA A 174 -9.80 3.40 16.90
N LEU A 175 -9.88 4.68 16.65
CA LEU A 175 -8.99 5.67 17.26
C LEU A 175 -9.20 5.74 18.76
N LYS A 176 -10.42 5.39 19.20
CA LYS A 176 -10.79 5.49 20.64
C LYS A 176 -10.64 4.19 21.43
N ARG A 177 -10.72 3.03 20.80
CA ARG A 177 -11.01 1.79 21.56
C ARG A 177 -9.83 1.21 22.33
N GLY A 178 -8.60 1.61 22.01
CA GLY A 178 -7.45 1.28 22.86
C GLY A 178 -6.33 0.47 22.23
N THR A 179 -6.13 0.55 20.91
CA THR A 179 -4.89 -0.01 20.31
C THR A 179 -3.89 1.12 20.03
N THR A 180 -2.62 0.77 19.79
CA THR A 180 -1.62 1.69 19.30
C THR A 180 -1.03 1.14 17.99
N VAL A 181 -0.69 2.06 17.10
CA VAL A 181 -0.01 1.66 15.84
C VAL A 181 1.46 1.99 16.01
N GLU A 182 2.31 0.97 15.78
CA GLU A 182 3.77 1.12 15.83
C GLU A 182 4.37 1.03 14.41
N ARG A 183 5.33 1.91 14.12
CA ARG A 183 6.22 1.72 12.95
C ARG A 183 7.31 0.82 13.44
N SER A 184 7.36 -0.41 12.91
CA SER A 184 8.23 -1.46 13.41
C SER A 184 9.59 -1.50 12.66
N ASP A 185 10.27 -2.62 12.80
CA ASP A 185 11.58 -2.87 12.21
C ASP A 185 11.68 -4.27 11.62
N ARG A 186 12.87 -4.63 11.13
CA ARG A 186 13.01 -5.93 10.54
C ARG A 186 12.60 -7.09 11.45
N GLU A 187 12.94 -7.00 12.73
CA GLU A 187 12.56 -8.04 13.70
C GLU A 187 11.03 -8.20 13.78
N GLY A 188 10.31 -7.11 13.51
CA GLY A 188 8.83 -7.13 13.43
C GLY A 188 8.25 -8.04 12.37
N LEU A 189 9.07 -8.42 11.37
CA LEU A 189 8.55 -9.26 10.31
C LEU A 189 8.17 -10.67 10.77
N LYS A 190 8.68 -11.12 11.93
CA LYS A 190 8.33 -12.44 12.43
C LYS A 190 6.90 -12.44 12.93
N THR A 191 6.53 -11.38 13.64
CA THR A 191 5.12 -11.12 13.99
C THR A 191 4.25 -10.99 12.73
N PHE A 192 4.71 -10.20 11.77
CA PHE A 192 3.94 -10.05 10.53
C PHE A 192 3.67 -11.37 9.79
N ALA A 193 4.70 -12.20 9.68
CA ALA A 193 4.52 -13.46 8.95
C ALA A 193 3.52 -14.37 9.64
N GLU A 194 3.51 -14.33 10.97
CA GLU A 194 2.54 -15.10 11.77
C GLU A 194 1.12 -14.63 11.48
N LEU A 195 0.92 -13.31 11.46
CA LEU A 195 -0.38 -12.76 11.14
C LEU A 195 -0.81 -13.12 9.71
N MET A 196 0.15 -13.15 8.80
CA MET A 196 -0.16 -13.44 7.42
C MET A 196 -0.57 -14.90 7.25
N LYS A 197 0.04 -15.78 8.05
CA LYS A 197 -0.30 -17.21 8.04
C LYS A 197 -1.78 -17.37 8.44
N ILE A 198 -2.17 -16.63 9.49
CA ILE A 198 -3.56 -16.66 9.98
C ILE A 198 -4.53 -16.11 8.91
N THR A 199 -4.12 -15.02 8.26
CA THR A 199 -4.91 -14.41 7.22
C THR A 199 -5.07 -15.32 5.99
N GLY A 200 -4.00 -16.03 5.64
CA GLY A 200 -4.09 -16.98 4.52
C GLY A 200 -5.09 -18.07 4.81
N GLU A 201 -5.04 -18.59 6.03
CA GLU A 201 -5.92 -19.68 6.46
C GLU A 201 -7.39 -19.24 6.58
N ARG A 202 -7.61 -18.00 7.05
CA ARG A 202 -8.97 -17.45 7.16
C ARG A 202 -9.58 -17.18 5.80
N ASP A 203 -8.82 -16.50 4.93
CA ASP A 203 -9.24 -16.32 3.54
C ASP A 203 -8.87 -17.64 2.86
N GLY A 204 -8.82 -17.66 1.53
CA GLY A 204 -8.44 -18.89 0.83
C GLY A 204 -7.00 -18.94 0.32
N PHE A 205 -6.18 -17.96 0.72
CA PHE A 205 -4.89 -17.71 0.09
C PHE A 205 -3.70 -18.54 0.60
N LEU A 206 -2.80 -18.85 -0.33
CA LEU A 206 -1.49 -19.41 -0.02
C LEU A 206 -0.58 -18.28 0.47
N THR A 207 0.10 -18.50 1.59
CA THR A 207 0.89 -17.45 2.23
C THR A 207 2.38 -17.64 2.02
N ARG A 208 3.07 -16.53 1.82
CA ARG A 208 4.51 -16.54 1.67
C ARG A 208 5.14 -16.45 3.03
N ASP A 209 6.36 -16.97 3.17
CA ASP A 209 7.04 -17.08 4.46
C ASP A 209 7.88 -15.83 4.74
N ILE A 210 8.48 -15.78 5.93
CA ILE A 210 9.21 -14.60 6.38
C ILE A 210 10.32 -14.14 5.42
N SER A 211 11.03 -15.10 4.82
CA SER A 211 12.12 -14.77 3.89
C SER A 211 11.66 -13.94 2.69
N TYR A 212 10.43 -14.22 2.26
CA TYR A 212 9.81 -13.51 1.15
C TYR A 212 9.61 -12.03 1.50
N PHE A 213 9.14 -11.76 2.71
CA PHE A 213 8.96 -10.39 3.16
C PHE A 213 10.29 -9.70 3.50
N GLU A 214 11.24 -10.44 4.05
CA GLU A 214 12.53 -9.90 4.33
C GLU A 214 13.24 -9.42 3.04
N ASN A 215 13.05 -10.14 1.96
CA ASN A 215 13.66 -9.82 0.67
C ASN A 215 13.20 -8.45 0.16
N ILE A 216 11.90 -8.23 0.26
CA ILE A 216 11.38 -6.90 -0.10
C ILE A 216 11.80 -5.81 0.91
N TYR A 217 11.63 -6.07 2.18
CA TYR A 217 11.94 -5.06 3.16
C TYR A 217 13.40 -4.58 3.18
N ASP A 218 14.33 -5.51 3.15
CA ASP A 218 15.75 -5.23 3.27
C ASP A 218 16.30 -4.37 2.13
N ALA A 219 15.74 -4.51 0.93
CA ALA A 219 16.20 -3.68 -0.19
C ALA A 219 15.80 -2.23 -0.06
N LEU A 220 14.55 -2.02 0.31
CA LEU A 220 13.95 -0.71 0.26
C LEU A 220 13.87 0.08 1.60
N HIS A 221 13.90 -0.61 2.72
CA HIS A 221 13.72 0.05 4.01
C HIS A 221 14.81 1.09 4.35
N GLU A 222 16.05 0.72 4.02
CA GLU A 222 17.22 1.60 4.20
C GLU A 222 16.99 3.04 3.67
N ASP A 223 16.36 3.14 2.48
CA ASP A 223 16.01 4.38 1.84
C ASP A 223 14.69 5.04 2.28
N GLY A 224 14.00 4.37 3.18
CA GLY A 224 12.71 4.81 3.69
C GLY A 224 11.55 4.45 2.76
N ASP A 225 11.85 3.59 1.80
CA ASP A 225 10.86 3.16 0.80
C ASP A 225 10.07 1.89 1.10
N ALA A 226 10.31 1.28 2.25
CA ALA A 226 9.50 0.20 2.80
C ALA A 226 9.43 0.42 4.30
N GLU A 227 8.22 0.34 4.87
CA GLU A 227 8.04 0.35 6.32
C GLU A 227 7.02 -0.70 6.73
N LEU A 228 7.25 -1.28 7.92
CA LEU A 228 6.35 -2.23 8.50
C LEU A 228 5.60 -1.56 9.65
N PHE A 229 4.29 -1.75 9.69
CA PHE A 229 3.47 -1.19 10.80
C PHE A 229 2.84 -2.38 11.49
N LEU A 230 2.72 -2.31 12.83
CA LEU A 230 2.08 -3.37 13.61
C LEU A 230 1.10 -2.70 14.58
N VAL A 231 -0.04 -3.34 14.82
CA VAL A 231 -1.05 -2.78 15.78
C VAL A 231 -1.05 -3.67 17.02
N LYS A 232 -0.88 -3.04 18.19
CA LYS A 232 -0.73 -3.71 19.47
C LYS A 232 -1.90 -3.33 20.40
N LEU A 233 -2.37 -4.31 21.16
CA LEU A 233 -3.28 -4.08 22.27
C LEU A 233 -2.42 -4.32 23.50
N ASP A 234 -2.17 -3.30 24.29
CA ASP A 234 -1.28 -3.41 25.44
C ASP A 234 -2.10 -3.22 26.72
N PRO A 235 -2.26 -4.29 27.50
CA PRO A 235 -3.06 -4.18 28.73
C PRO A 235 -2.57 -3.17 29.73
N LYS A 236 -1.26 -3.08 29.97
CA LYS A 236 -0.74 -2.09 30.95
C LYS A 236 -1.08 -0.67 30.58
N GLU A 237 -0.89 -0.32 29.31
CA GLU A 237 -1.19 1.02 28.88
C GLU A 237 -2.67 1.33 29.11
N ASN A 238 -3.52 0.37 28.79
CA ASN A 238 -4.96 0.59 28.85
C ASN A 238 -5.44 0.67 30.28
N ILE A 239 -4.84 -0.12 31.16
CA ILE A 239 -5.07 -0.05 32.62
C ILE A 239 -4.72 1.36 33.14
N ALA A 240 -3.59 1.92 32.72
CA ALA A 240 -3.26 3.29 33.08
C ALA A 240 -4.31 4.29 32.62
N LYS A 241 -4.82 4.12 31.39
CA LYS A 241 -5.88 4.95 30.87
C LYS A 241 -7.13 4.80 31.78
N VAL A 242 -7.46 3.59 32.20
CA VAL A 242 -8.67 3.37 33.02
C VAL A 242 -8.48 4.05 34.38
N ASN A 243 -7.30 3.94 34.97
CA ASN A 243 -7.02 4.59 36.25
C ASN A 243 -7.20 6.09 36.17
N GLN A 244 -6.74 6.68 35.06
CA GLN A 244 -6.93 8.11 34.86
C GLN A 244 -8.40 8.45 34.72
N GLU A 245 -9.17 7.65 33.97
CA GLU A 245 -10.62 7.87 33.80
C GLU A 245 -11.30 7.77 35.16
N LEU A 246 -10.89 6.81 35.98
CA LEU A 246 -11.47 6.69 37.34
C LEU A 246 -11.20 7.94 38.17
N ASN A 247 -10.00 8.48 38.06
CA ASN A 247 -9.69 9.72 38.78
C ASN A 247 -10.55 10.86 38.30
N GLU A 248 -10.72 10.98 36.98
CA GLU A 248 -11.54 12.06 36.41
C GLU A 248 -13.02 11.90 36.83
N LEU A 249 -13.52 10.66 36.91
CA LEU A 249 -14.92 10.44 37.28
C LEU A 249 -15.16 10.81 38.75
N HIS A 250 -14.22 10.47 39.62
CA HIS A 250 -14.35 10.86 41.02
C HIS A 250 -14.31 12.38 41.15
N ALA A 251 -13.51 13.03 40.33
CA ALA A 251 -13.46 14.51 40.35
C ALA A 251 -14.75 15.15 39.83
N GLU A 252 -15.39 14.57 38.81
CA GLU A 252 -16.71 15.00 38.37
C GLU A 252 -17.71 14.90 39.52
N ILE A 253 -17.66 13.76 40.23
CA ILE A 253 -18.62 13.54 41.31
C ILE A 253 -18.40 14.59 42.39
N ALA A 254 -17.14 14.85 42.74
CA ALA A 254 -16.83 15.93 43.69
C ALA A 254 -17.46 17.26 43.30
N LYS A 255 -17.32 17.63 42.03
CA LYS A 255 -17.85 18.89 41.48
C LYS A 255 -19.39 18.97 41.59
N TRP A 256 -20.10 17.92 41.17
CA TRP A 256 -21.56 17.87 41.29
C TRP A 256 -22.03 17.81 42.75
N GLN A 257 -21.29 17.15 43.63
CA GLN A 257 -21.64 17.10 45.04
C GLN A 257 -21.57 18.51 45.65
N GLN A 258 -20.58 19.27 45.21
CA GLN A 258 -20.44 20.65 45.68
C GLN A 258 -21.55 21.55 45.15
N LYS A 259 -22.00 21.35 43.92
CA LYS A 259 -23.18 22.09 43.42
C LYS A 259 -24.46 21.72 44.17
N MET A 260 -24.61 20.42 44.46
CA MET A 260 -25.77 19.92 45.19
C MET A 260 -25.95 20.57 46.57
N GLU A 261 -24.84 20.77 47.26
CA GLU A 261 -24.81 21.29 48.62
C GLU A 261 -25.00 22.80 48.64
N THR A 262 -24.66 23.46 47.53
CA THR A 262 -24.74 24.91 47.44
C THR A 262 -25.90 25.43 46.61
N SER A 263 -26.51 24.59 45.78
CA SER A 263 -27.52 25.08 44.84
C SER A 263 -28.74 24.17 44.81
N GLU A 264 -29.71 24.54 45.63
CA GLU A 264 -31.04 23.91 45.72
C GLU A 264 -31.65 23.49 44.40
N LYS A 265 -31.63 24.44 43.46
CA LYS A 265 -32.30 24.34 42.16
C LYS A 265 -31.63 23.29 41.28
N GLN A 266 -30.34 23.04 41.53
CA GLN A 266 -29.57 22.14 40.70
C GLN A 266 -29.42 20.74 41.32
N ALA A 267 -30.00 20.52 42.49
CA ALA A 267 -29.72 19.29 43.24
C ALA A 267 -30.21 18.03 42.54
N LYS A 268 -31.40 18.08 41.94
CA LYS A 268 -31.96 16.90 41.27
C LYS A 268 -31.08 16.51 40.08
N LYS A 269 -30.67 17.50 39.29
CA LYS A 269 -29.74 17.28 38.17
C LYS A 269 -28.36 16.73 38.59
N ALA A 270 -27.83 17.31 39.67
CA ALA A 270 -26.55 16.88 40.21
C ALA A 270 -26.53 15.39 40.58
N GLN A 271 -27.58 14.95 41.23
CA GLN A 271 -27.64 13.58 41.70
C GLN A 271 -27.74 12.66 40.53
N ASN A 272 -28.50 13.11 39.52
CA ASN A 272 -28.56 12.37 38.28
C ASN A 272 -27.20 12.17 37.65
N MET A 273 -26.39 13.24 37.61
CA MET A 273 -25.08 13.17 36.99
C MET A 273 -24.13 12.33 37.84
N ILE A 274 -24.34 12.37 39.15
CA ILE A 274 -23.55 11.54 40.07
C ILE A 274 -23.85 10.05 39.83
N ASN A 275 -25.13 9.73 39.73
CA ASN A 275 -25.54 8.34 39.46
C ASN A 275 -24.89 7.82 38.19
N ASP A 276 -24.90 8.65 37.14
CA ASP A 276 -24.26 8.28 35.87
C ASP A 276 -22.76 7.99 36.04
N ALA A 277 -22.07 8.88 36.75
CA ALA A 277 -20.66 8.71 36.96
C ALA A 277 -20.30 7.48 37.84
N GLN A 278 -21.11 7.23 38.85
CA GLN A 278 -20.95 6.02 39.69
C GLN A 278 -21.04 4.74 38.82
N ASN A 279 -22.04 4.71 37.95
CA ASN A 279 -22.22 3.58 37.02
C ASN A 279 -20.99 3.39 36.12
N LYS A 280 -20.46 4.50 35.59
CA LYS A 280 -19.26 4.44 34.81
C LYS A 280 -18.06 3.96 35.60
N ILE A 281 -17.94 4.37 36.85
CA ILE A 281 -16.86 3.92 37.69
C ILE A 281 -16.91 2.37 37.87
N ALA A 282 -18.09 1.87 38.19
CA ALA A 282 -18.25 0.42 38.39
C ALA A 282 -17.82 -0.34 37.12
N LYS A 283 -18.24 0.15 35.96
CA LYS A 283 -17.92 -0.47 34.68
C LYS A 283 -16.43 -0.43 34.39
N ASN A 284 -15.82 0.71 34.68
CA ASN A 284 -14.38 0.83 34.52
C ASN A 284 -13.61 -0.12 35.40
N GLU A 285 -14.11 -0.33 36.63
CA GLU A 285 -13.45 -1.30 37.48
C GLU A 285 -13.52 -2.76 36.95
N ASP A 286 -14.65 -3.12 36.38
CA ASP A 286 -14.85 -4.40 35.77
C ASP A 286 -13.87 -4.54 34.60
N LEU A 287 -13.73 -3.48 33.82
CA LEU A 287 -12.77 -3.52 32.68
C LEU A 287 -11.34 -3.69 33.15
N LYS A 288 -10.98 -3.03 34.25
CA LYS A 288 -9.64 -3.13 34.81
C LYS A 288 -9.36 -4.60 35.14
N ARG A 289 -10.33 -5.29 35.73
CA ARG A 289 -10.17 -6.72 36.01
C ARG A 289 -9.91 -7.55 34.73
N ASP A 290 -10.67 -7.24 33.69
CA ASP A 290 -10.58 -8.00 32.42
C ASP A 290 -9.20 -7.76 31.78
N LEU A 291 -8.73 -6.51 31.84
CA LEU A 291 -7.39 -6.13 31.33
C LEU A 291 -6.26 -6.76 32.13
N GLU A 292 -6.45 -6.88 33.46
CA GLU A 292 -5.51 -7.63 34.26
C GLU A 292 -5.39 -9.08 33.90
N ALA A 293 -6.51 -9.72 33.55
CA ALA A 293 -6.58 -11.11 33.08
C ALA A 293 -5.79 -11.21 31.79
N LEU A 294 -6.02 -10.25 30.91
CA LEU A 294 -5.27 -10.22 29.64
C LEU A 294 -3.79 -9.99 29.86
N GLU A 295 -3.43 -9.11 30.78
CA GLU A 295 -2.06 -8.87 31.07
C GLU A 295 -1.35 -10.14 31.53
N LYS A 296 -2.04 -11.00 32.30
CA LYS A 296 -1.44 -12.26 32.77
C LYS A 296 -1.10 -13.20 31.61
N GLU A 297 -1.99 -13.26 30.63
CA GLU A 297 -1.75 -13.98 29.37
C GLU A 297 -0.67 -13.32 28.52
N HIS A 298 -0.82 -12.03 28.26
CA HIS A 298 0.10 -11.32 27.37
C HIS A 298 0.74 -10.12 28.05
N PRO A 299 1.78 -10.36 28.88
CA PRO A 299 2.43 -9.31 29.71
C PRO A 299 2.92 -8.08 28.96
N GLU A 300 3.43 -8.27 27.76
CA GLU A 300 3.86 -7.17 26.92
C GLU A 300 2.93 -7.00 25.71
N GLY A 301 1.65 -7.35 25.87
CA GLY A 301 0.63 -7.09 24.84
C GLY A 301 0.56 -8.13 23.74
N ILE A 302 -0.34 -7.90 22.81
CA ILE A 302 -0.59 -8.80 21.73
C ILE A 302 -0.70 -7.96 20.47
N TYR A 303 -0.10 -8.45 19.41
CA TYR A 303 -0.24 -7.80 18.09
C TYR A 303 -1.43 -8.39 17.35
N LEU A 304 -2.24 -7.49 16.80
CA LEU A 304 -3.48 -7.81 16.13
C LEU A 304 -3.46 -7.71 14.62
N SER A 305 -2.69 -6.76 14.09
CA SER A 305 -2.63 -6.60 12.65
C SER A 305 -1.28 -6.03 12.26
N GLY A 306 -0.99 -6.05 10.96
CA GLY A 306 0.27 -5.50 10.46
C GLY A 306 0.18 -5.29 8.96
N ALA A 307 1.07 -4.42 8.46
CA ALA A 307 1.11 -4.13 7.05
C ALA A 307 2.45 -3.58 6.59
N LEU A 308 2.72 -3.78 5.30
CA LEU A 308 3.87 -3.20 4.65
C LEU A 308 3.46 -2.05 3.72
N LEU A 309 4.12 -0.89 3.86
CA LEU A 309 3.84 0.35 3.15
C LEU A 309 5.10 0.72 2.37
N MET A 310 4.96 0.88 1.06
CA MET A 310 6.11 1.23 0.18
C MET A 310 5.98 2.61 -0.35
N PHE A 311 7.08 3.19 -0.87
CA PHE A 311 7.05 4.52 -1.44
C PHE A 311 7.88 4.60 -2.73
N ALA A 312 7.45 5.49 -3.58
CA ALA A 312 8.22 5.95 -4.75
C ALA A 312 7.92 7.39 -4.99
N GLY A 313 8.63 8.29 -4.29
CA GLY A 313 8.31 9.69 -4.41
C GLY A 313 6.97 10.03 -3.80
N SER A 314 6.17 10.74 -4.56
CA SER A 314 4.84 11.12 -4.07
C SER A 314 3.84 9.96 -4.08
N LYS A 315 4.22 8.79 -4.58
CA LYS A 315 3.33 7.61 -4.55
C LYS A 315 3.65 6.74 -3.35
N SER A 316 2.61 6.38 -2.57
CA SER A 316 2.74 5.38 -1.56
C SER A 316 1.85 4.20 -1.89
N TYR A 317 2.22 3.03 -1.35
CA TYR A 317 1.54 1.76 -1.68
C TYR A 317 1.31 0.90 -0.45
N TYR A 318 0.06 0.50 -0.23
CA TYR A 318 -0.28 -0.53 0.74
C TYR A 318 -0.09 -1.87 0.05
N LEU A 319 1.03 -2.52 0.35
CA LEU A 319 1.48 -3.68 -0.41
C LEU A 319 0.90 -4.99 0.11
N TYR A 320 0.91 -5.19 1.43
CA TYR A 320 0.43 -6.40 2.08
C TYR A 320 -0.09 -6.02 3.46
N GLY A 321 -1.17 -6.67 3.87
CA GLY A 321 -1.71 -6.53 5.23
C GLY A 321 -2.20 -7.85 5.80
N ALA A 322 -2.21 -7.97 7.13
CA ALA A 322 -2.59 -9.23 7.80
C ALA A 322 -3.21 -8.92 9.12
N SER A 323 -4.09 -9.81 9.60
CA SER A 323 -4.65 -9.59 10.93
C SER A 323 -5.09 -10.91 11.54
N SER A 324 -5.10 -10.96 12.87
CA SER A 324 -5.43 -12.17 13.61
C SER A 324 -6.92 -12.31 13.78
N ASN A 325 -7.34 -13.46 14.30
CA ASN A 325 -8.74 -13.72 14.58
C ASN A 325 -9.21 -13.17 15.94
N GLU A 326 -8.31 -12.62 16.73
CA GLU A 326 -8.66 -12.15 18.07
C GLU A 326 -8.85 -10.64 18.19
N PHE A 327 -9.67 -10.24 19.15
CA PHE A 327 -9.91 -8.85 19.52
C PHE A 327 -10.33 -7.95 18.34
N ARG A 328 -11.13 -8.52 17.43
CA ARG A 328 -11.57 -7.85 16.19
C ARG A 328 -12.39 -6.60 16.50
N ASP A 329 -13.08 -6.57 17.63
CA ASP A 329 -13.87 -5.39 18.06
C ASP A 329 -13.04 -4.15 18.36
N PHE A 330 -11.72 -4.27 18.46
CA PHE A 330 -10.88 -3.12 18.59
C PHE A 330 -10.60 -2.47 17.23
N LEU A 331 -11.11 -3.07 16.15
CA LEU A 331 -10.96 -2.54 14.77
C LEU A 331 -9.52 -2.16 14.44
N PRO A 332 -8.57 -3.08 14.70
CA PRO A 332 -7.16 -2.76 14.47
C PRO A 332 -6.81 -2.40 13.02
N ASN A 333 -7.39 -3.06 12.03
CA ASN A 333 -7.11 -2.74 10.61
C ASN A 333 -7.53 -1.32 10.25
N HIS A 334 -8.62 -0.84 10.83
CA HIS A 334 -9.08 0.53 10.55
C HIS A 334 -8.17 1.57 11.15
N HIS A 335 -7.67 1.29 12.37
CA HIS A 335 -6.70 2.14 13.01
C HIS A 335 -5.40 2.19 12.18
N MET A 336 -4.96 0.99 11.80
CA MET A 336 -3.77 0.80 10.95
C MET A 336 -3.81 1.59 9.63
N GLN A 337 -4.91 1.46 8.90
CA GLN A 337 -5.06 2.15 7.59
C GLN A 337 -4.95 3.65 7.73
N TYR A 338 -5.73 4.24 8.63
CA TYR A 338 -5.74 5.68 8.75
C TYR A 338 -4.37 6.21 9.21
N THR A 339 -3.73 5.51 10.17
CA THR A 339 -2.39 5.87 10.65
C THR A 339 -1.36 5.85 9.48
N MET A 340 -1.47 4.83 8.63
CA MET A 340 -0.51 4.66 7.54
C MET A 340 -0.69 5.73 6.49
N MET A 341 -1.93 6.13 6.25
CA MET A 341 -2.19 7.21 5.31
C MET A 341 -1.58 8.50 5.83
N LYS A 342 -1.77 8.78 7.12
CA LYS A 342 -1.18 9.98 7.69
C LYS A 342 0.35 9.96 7.65
N TYR A 343 0.97 8.82 7.96
CA TYR A 343 2.41 8.65 7.90
C TYR A 343 2.89 8.89 6.48
N ALA A 344 2.18 8.33 5.53
CA ALA A 344 2.55 8.44 4.13
C ALA A 344 2.52 9.92 3.70
N ARG A 345 1.45 10.63 4.06
CA ARG A 345 1.32 12.06 3.75
C ARG A 345 2.51 12.84 4.36
N GLU A 346 2.84 12.53 5.60
CA GLU A 346 3.93 13.24 6.30
C GLU A 346 5.30 12.96 5.65
N HIS A 347 5.45 11.79 5.01
CA HIS A 347 6.68 11.42 4.30
C HIS A 347 6.79 12.09 2.92
N GLY A 348 5.71 12.70 2.43
CA GLY A 348 5.71 13.36 1.12
C GLY A 348 4.90 12.76 0.02
N ALA A 349 4.11 11.72 0.35
CA ALA A 349 3.24 11.11 -0.61
C ALA A 349 1.92 11.85 -0.76
N THR A 350 1.39 11.90 -1.94
CA THR A 350 0.08 12.52 -2.17
C THR A 350 -0.99 11.54 -2.62
N THR A 351 -0.61 10.29 -2.92
CA THR A 351 -1.55 9.21 -3.19
C THR A 351 -1.18 7.96 -2.39
N TYR A 352 -2.18 7.19 -2.05
CA TYR A 352 -2.07 5.96 -1.25
C TYR A 352 -2.82 4.87 -2.02
N ASP A 353 -2.05 3.95 -2.61
CA ASP A 353 -2.54 2.98 -3.58
C ASP A 353 -2.79 1.64 -2.90
N PHE A 354 -4.07 1.21 -2.87
CA PHE A 354 -4.44 -0.09 -2.33
C PHE A 354 -4.22 -1.27 -3.26
N GLY A 355 -3.75 -1.00 -4.48
CA GLY A 355 -3.49 -2.02 -5.47
C GLY A 355 -4.72 -2.47 -6.25
N GLY A 356 -4.66 -3.68 -6.79
CA GLY A 356 -5.55 -4.08 -7.86
C GLY A 356 -7.00 -4.34 -7.52
N THR A 357 -7.81 -4.20 -8.55
CA THR A 357 -9.24 -4.50 -8.48
C THR A 357 -9.77 -4.73 -9.87
N ASP A 358 -10.90 -5.48 -9.97
CA ASP A 358 -11.83 -5.31 -11.05
C ASP A 358 -12.76 -4.12 -10.79
N ASN A 359 -13.30 -3.59 -11.89
CA ASN A 359 -14.27 -2.49 -11.79
C ASN A 359 -15.66 -3.03 -11.45
N ASP A 360 -16.06 -2.90 -10.19
CA ASP A 360 -17.42 -3.25 -9.70
C ASP A 360 -17.82 -4.65 -10.08
N PRO A 361 -17.02 -5.65 -9.67
CA PRO A 361 -17.38 -7.02 -10.01
C PRO A 361 -18.65 -7.49 -9.27
N ASP A 362 -19.29 -8.52 -9.83
CA ASP A 362 -20.40 -9.22 -9.17
C ASP A 362 -19.91 -10.00 -7.93
N LYS A 363 -20.86 -10.41 -7.09
CA LYS A 363 -20.53 -10.98 -5.77
C LYS A 363 -20.01 -12.42 -5.87
N ASP A 364 -20.31 -13.10 -6.97
CA ASP A 364 -19.84 -14.45 -7.19
C ASP A 364 -18.42 -14.50 -7.76
N SER A 365 -17.83 -13.35 -8.07
CA SER A 365 -16.53 -13.38 -8.74
C SER A 365 -15.39 -13.44 -7.71
N GLU A 366 -14.25 -14.00 -8.11
CA GLU A 366 -13.16 -14.25 -7.15
C GLU A 366 -12.60 -13.00 -6.48
N HIS A 367 -12.70 -11.85 -7.18
CA HIS A 367 -12.14 -10.59 -6.67
C HIS A 367 -13.13 -9.61 -6.01
N TYR A 368 -14.40 -10.02 -5.77
CA TYR A 368 -15.33 -9.12 -5.13
C TYR A 368 -14.84 -8.55 -3.80
N GLY A 369 -14.19 -9.35 -2.97
CA GLY A 369 -13.80 -8.91 -1.66
C GLY A 369 -12.81 -7.74 -1.73
N LEU A 370 -11.95 -7.78 -2.74
CA LEU A 370 -11.02 -6.63 -2.93
C LEU A 370 -11.74 -5.33 -3.20
N TRP A 371 -12.82 -5.41 -3.98
CA TRP A 371 -13.59 -4.21 -4.34
C TRP A 371 -14.33 -3.69 -3.10
N ALA A 372 -14.97 -4.61 -2.38
CA ALA A 372 -15.76 -4.28 -1.18
C ALA A 372 -14.91 -3.57 -0.11
N PHE A 373 -13.69 -4.07 0.05
CA PHE A 373 -12.71 -3.55 1.00
C PHE A 373 -12.21 -2.19 0.52
N LYS A 374 -11.68 -2.12 -0.72
CA LYS A 374 -10.95 -0.93 -1.08
C LYS A 374 -11.86 0.29 -1.35
N LYS A 375 -13.11 0.03 -1.77
CA LYS A 375 -13.99 1.12 -2.19
C LYS A 375 -14.39 2.08 -1.04
N VAL A 376 -14.26 1.65 0.22
CA VAL A 376 -14.74 2.46 1.35
C VAL A 376 -13.72 3.42 1.92
N TRP A 377 -12.50 3.41 1.35
CA TRP A 377 -11.39 4.17 1.87
C TRP A 377 -11.07 5.50 1.15
N GLY A 378 -12.09 6.17 0.62
CA GLY A 378 -11.88 7.40 -0.10
C GLY A 378 -11.09 7.25 -1.40
N THR A 379 -11.27 6.10 -2.00
CA THR A 379 -10.54 5.72 -3.20
C THR A 379 -11.25 6.10 -4.47
N TYR A 380 -10.45 6.39 -5.51
CA TYR A 380 -10.97 6.43 -6.85
C TYR A 380 -10.34 5.33 -7.66
N LEU A 381 -11.09 4.86 -8.64
CA LEU A 381 -10.59 3.82 -9.54
C LEU A 381 -9.68 4.41 -10.59
N SER A 382 -8.44 3.88 -10.63
CA SER A 382 -7.41 4.29 -11.59
C SER A 382 -7.30 3.21 -12.65
N GLU A 383 -7.75 3.54 -13.87
CA GLU A 383 -7.75 2.60 -14.98
C GLU A 383 -6.58 2.98 -15.88
N LYS A 384 -5.64 2.03 -16.06
CA LYS A 384 -4.41 2.26 -16.78
C LYS A 384 -4.55 1.82 -18.23
N ILE A 385 -3.65 2.30 -19.07
CA ILE A 385 -3.71 1.95 -20.49
C ILE A 385 -3.41 0.49 -20.76
N GLY A 386 -2.64 -0.17 -19.87
CA GLY A 386 -2.38 -1.58 -19.96
C GLY A 386 -0.98 -1.97 -20.41
N GLU A 387 -0.90 -3.15 -21.01
CA GLU A 387 0.33 -3.86 -21.31
C GLU A 387 0.56 -3.85 -22.81
N PHE A 388 1.81 -3.59 -23.24
CA PHE A 388 2.17 -3.50 -24.64
C PHE A 388 3.46 -4.28 -24.88
N ASP A 389 3.55 -4.93 -26.05
CA ASP A 389 4.73 -5.73 -26.38
C ASP A 389 5.29 -5.25 -27.72
N TYR A 390 6.60 -5.02 -27.74
CA TYR A 390 7.34 -4.79 -29.00
C TYR A 390 7.97 -6.13 -29.30
N ILE A 391 7.45 -6.82 -30.34
CA ILE A 391 7.75 -8.22 -30.51
C ILE A 391 9.04 -8.36 -31.35
N LEU A 392 9.98 -9.14 -30.83
CA LEU A 392 11.29 -9.38 -31.46
C LEU A 392 11.36 -10.71 -32.15
N ASN A 393 10.64 -11.70 -31.64
CA ASN A 393 10.55 -12.99 -32.30
C ASN A 393 9.08 -13.43 -32.30
N GLN A 394 8.44 -13.39 -33.47
CA GLN A 394 7.00 -13.67 -33.57
C GLN A 394 6.62 -15.10 -33.17
N PRO A 395 7.29 -16.13 -33.72
CA PRO A 395 6.96 -17.51 -33.34
C PRO A 395 7.10 -17.81 -31.85
N LEU A 396 8.14 -17.26 -31.22
CA LEU A 396 8.32 -17.48 -29.83
C LEU A 396 7.29 -16.75 -29.00
N TYR A 397 7.00 -15.52 -29.36
CA TYR A 397 6.01 -14.70 -28.67
C TYR A 397 4.67 -15.47 -28.68
N GLN A 398 4.27 -15.93 -29.87
CA GLN A 398 3.00 -16.68 -29.97
C GLN A 398 2.96 -17.92 -29.09
N LEU A 399 4.07 -18.62 -28.93
CA LEU A 399 4.11 -19.85 -28.19
C LEU A 399 4.03 -19.56 -26.68
N ILE A 400 4.76 -18.53 -26.26
CA ILE A 400 4.99 -18.28 -24.87
C ILE A 400 3.83 -17.53 -24.25
N GLU A 401 3.32 -16.54 -24.95
CA GLU A 401 2.37 -15.62 -24.35
C GLU A 401 0.99 -16.24 -24.43
N GLN A 402 0.83 -17.26 -23.60
CA GLN A 402 -0.41 -18.00 -23.38
C GLN A 402 -0.65 -18.09 -21.89
#